data_7QD0
#
_entry.id   7QD0
#
_cell.length_a   81.400
_cell.length_b   64.870
_cell.length_c   61.690
_cell.angle_alpha   90.000
_cell.angle_beta   117.911
_cell.angle_gamma   90.000
#
_symmetry.space_group_name_H-M   'C 1 2 1'
#
loop_
_entity.id
_entity.type
_entity.pdbx_description
1 polymer 'Orange carotenoid-binding protein'
2 non-polymer ARGININE
3 non-polymer GLYCEROL
4 non-polymer 'ACETATE ION'
5 non-polymer beta,beta-caroten-4-one
6 water water
#
_entity_poly.entity_id   1
_entity_poly.type   'polypeptide(L)'
_entity_poly.pdbx_seq_one_letter_code
;MSFTVDSARGIFPNTLTADVVPATIARFNQLNAEDQLALIWFAYLEMGKTITVAALGAANMQFAEITMNQIRQMSFQEQT
QVMCDLANRTDTPISRAYGSWTANIKLGFWYQLGEWMAQGIVAPIPSGYKLSANAASVLQAIQGLESGQQITVLRNCVVD
MGFDTSKLDSSQRVSEPVVVPRDMAQRTQVTIEGIDNPTVLNYMNNMNANDFEVLIELFTPDGALQPPFQKPIVGKDAVL
RFFREECQNLKLIPERGVTEPADGGYTQIKVTGKVQTPWFGAGVGMNMAWRFLLSPENKIFFVAIDLLASPKELLNLVR
;
_entity_poly.pdbx_strand_id   A
#
# COMPACT_ATOMS: atom_id res chain seq x y z
N SER A 2 11.64 24.85 -16.53
CA SER A 2 12.57 23.83 -17.00
C SER A 2 12.51 22.60 -16.10
N PHE A 3 11.38 22.43 -15.42
CA PHE A 3 11.22 21.32 -14.49
C PHE A 3 11.07 20.01 -15.25
N THR A 4 11.68 18.96 -14.71
CA THR A 4 11.42 17.59 -15.11
C THR A 4 10.85 16.83 -13.93
N VAL A 5 10.32 15.64 -14.20
CA VAL A 5 9.87 14.77 -13.11
C VAL A 5 11.01 14.53 -12.13
N ASP A 6 12.22 14.32 -12.64
CA ASP A 6 13.32 14.04 -11.71
C ASP A 6 13.70 15.27 -10.90
N SER A 7 13.66 16.46 -11.51
CA SER A 7 13.88 17.68 -10.73
C SER A 7 12.74 17.91 -9.75
N ALA A 8 11.49 17.62 -10.15
CA ALA A 8 10.35 17.83 -9.26
C ALA A 8 10.40 16.94 -8.02
N ARG A 9 11.07 15.78 -8.13
N ARG A 9 11.07 15.78 -8.12
CA ARG A 9 11.13 14.82 -7.03
CA ARG A 9 11.09 14.82 -7.02
C ARG A 9 11.68 15.42 -5.75
C ARG A 9 11.74 15.37 -5.76
N GLY A 10 12.56 16.40 -5.87
CA GLY A 10 13.25 16.97 -4.74
C GLY A 10 12.59 18.14 -4.05
N ILE A 11 11.36 18.54 -4.42
CA ILE A 11 10.75 19.65 -3.72
C ILE A 11 10.52 19.30 -2.25
N PHE A 12 10.59 20.33 -1.41
CA PHE A 12 10.43 20.21 0.04
C PHE A 12 11.35 19.13 0.60
N PRO A 13 12.66 19.33 0.49
CA PRO A 13 13.60 18.26 0.86
C PRO A 13 13.71 18.02 2.36
N ASN A 14 13.21 18.90 3.20
N ASN A 14 13.19 18.92 3.19
CA ASN A 14 13.31 18.68 4.63
CA ASN A 14 13.25 18.77 4.63
C ASN A 14 12.11 17.90 5.18
C ASN A 14 12.26 17.73 5.15
N THR A 15 11.39 17.21 4.29
CA THR A 15 10.35 16.27 4.69
C THR A 15 10.97 14.96 5.14
N LEU A 16 10.74 14.57 6.40
CA LEU A 16 11.40 13.37 6.94
C LEU A 16 10.48 12.17 6.71
N THR A 17 10.85 11.33 5.76
CA THR A 17 10.03 10.17 5.44
C THR A 17 10.47 8.97 6.28
N ALA A 18 9.57 8.00 6.38
CA ALA A 18 9.73 6.83 7.23
C ALA A 18 10.61 5.82 6.49
N ASP A 19 11.89 6.18 6.34
CA ASP A 19 12.74 5.28 5.58
C ASP A 19 13.06 3.99 6.33
N VAL A 20 12.69 3.88 7.61
CA VAL A 20 12.78 2.59 8.29
C VAL A 20 11.90 1.55 7.59
N VAL A 21 10.83 1.98 6.95
CA VAL A 21 9.93 1.05 6.24
C VAL A 21 10.70 0.35 5.12
N PRO A 22 11.24 1.06 4.11
CA PRO A 22 12.06 0.37 3.11
C PRO A 22 13.28 -0.31 3.69
N ALA A 23 13.86 0.21 4.77
CA ALA A 23 15.00 -0.48 5.37
C ALA A 23 14.58 -1.85 5.89
N THR A 24 13.45 -1.91 6.60
CA THR A 24 12.99 -3.17 7.19
C THR A 24 12.56 -4.15 6.11
N ILE A 25 11.93 -3.64 5.05
CA ILE A 25 11.55 -4.49 3.93
C ILE A 25 12.79 -5.11 3.31
N ALA A 26 13.84 -4.31 3.12
CA ALA A 26 15.07 -4.86 2.56
C ALA A 26 15.65 -5.94 3.45
N ARG A 27 15.54 -5.80 4.79
CA ARG A 27 16.05 -6.84 5.68
C ARG A 27 15.22 -8.11 5.54
N PHE A 28 13.89 -7.95 5.53
CA PHE A 28 12.98 -9.07 5.31
C PHE A 28 13.35 -9.82 4.04
N ASN A 29 13.75 -9.09 3.00
N ASN A 29 13.73 -9.10 2.99
CA ASN A 29 14.10 -9.66 1.71
CA ASN A 29 14.07 -9.74 1.72
C ASN A 29 15.36 -10.52 1.76
C ASN A 29 15.30 -10.62 1.81
N GLN A 30 16.13 -10.45 2.83
CA GLN A 30 17.30 -11.32 2.96
C GLN A 30 16.96 -12.66 3.59
N LEU A 31 15.78 -12.81 4.18
CA LEU A 31 15.45 -14.01 4.96
C LEU A 31 15.08 -15.17 4.04
N ASN A 32 15.25 -16.39 4.54
N ASN A 32 15.25 -16.39 4.56
CA ASN A 32 14.75 -17.52 3.78
CA ASN A 32 14.72 -17.55 3.85
C ASN A 32 13.22 -17.60 3.90
C ASN A 32 13.19 -17.47 3.82
N ALA A 33 12.61 -18.25 2.91
CA ALA A 33 11.15 -18.25 2.77
C ALA A 33 10.44 -18.77 4.02
N GLU A 34 10.98 -19.81 4.65
CA GLU A 34 10.33 -20.33 5.86
C GLU A 34 10.32 -19.28 6.96
N ASP A 35 11.42 -18.52 7.08
CA ASP A 35 11.49 -17.43 8.04
C ASP A 35 10.52 -16.31 7.67
N GLN A 36 10.39 -16.01 6.37
CA GLN A 36 9.49 -14.94 5.96
C GLN A 36 8.04 -15.28 6.29
N LEU A 37 7.64 -16.52 6.02
CA LEU A 37 6.28 -16.96 6.31
C LEU A 37 6.02 -16.94 7.81
N ALA A 38 6.95 -17.48 8.58
CA ALA A 38 6.75 -17.54 10.03
C ALA A 38 6.72 -16.16 10.64
N LEU A 39 7.61 -15.26 10.19
CA LEU A 39 7.64 -13.90 10.71
C LEU A 39 6.31 -13.22 10.49
N ILE A 40 5.78 -13.32 9.27
CA ILE A 40 4.52 -12.64 9.00
C ILE A 40 3.38 -13.30 9.77
N TRP A 41 3.42 -14.63 9.87
CA TRP A 41 2.37 -15.33 10.62
C TRP A 41 2.34 -14.86 12.07
N PHE A 42 3.52 -14.65 12.66
CA PHE A 42 3.58 -14.20 14.05
C PHE A 42 3.11 -12.76 14.20
N ALA A 43 3.57 -11.88 13.30
CA ALA A 43 3.02 -10.53 13.27
C ALA A 43 1.51 -10.56 13.06
N TYR A 44 1.04 -11.44 12.17
CA TYR A 44 -0.39 -11.57 11.90
C TYR A 44 -1.17 -12.00 13.14
N LEU A 45 -0.64 -12.99 13.88
CA LEU A 45 -1.28 -13.44 15.10
C LEU A 45 -1.41 -12.32 16.13
N GLU A 46 -0.60 -11.26 16.01
CA GLU A 46 -0.63 -10.14 16.94
C GLU A 46 -1.24 -8.88 16.33
N MET A 47 -1.96 -9.00 15.20
CA MET A 47 -2.69 -7.87 14.64
C MET A 47 -3.65 -8.25 13.51
N GLY A 48 -3.88 -9.56 13.31
CA GLY A 48 -4.72 -9.98 12.20
C GLY A 48 -6.19 -9.70 12.41
N LYS A 49 -6.62 -9.66 13.67
CA LYS A 49 -8.01 -9.35 13.99
C LYS A 49 -8.40 -7.94 13.57
N THR A 50 -7.43 -7.08 13.30
CA THR A 50 -7.71 -5.70 12.96
C THR A 50 -7.90 -5.49 11.45
N ILE A 51 -7.57 -6.48 10.62
CA ILE A 51 -7.77 -6.34 9.19
C ILE A 51 -9.25 -6.48 8.88
N THR A 52 -9.77 -5.56 8.06
CA THR A 52 -11.20 -5.62 7.74
C THR A 52 -11.36 -6.14 6.32
N VAL A 53 -12.62 -6.46 5.98
CA VAL A 53 -12.97 -7.00 4.67
C VAL A 53 -13.28 -5.93 3.63
N ALA A 54 -13.13 -4.64 3.98
CA ALA A 54 -13.66 -3.55 3.17
C ALA A 54 -13.04 -3.45 1.78
N ALA A 55 -11.83 -3.99 1.58
CA ALA A 55 -11.22 -3.90 0.26
C ALA A 55 -11.61 -5.03 -0.67
N LEU A 56 -12.14 -6.13 -0.13
N LEU A 56 -12.16 -6.13 -0.13
CA LEU A 56 -12.44 -7.31 -0.95
CA LEU A 56 -12.42 -7.30 -0.97
C LEU A 56 -13.49 -7.01 -2.00
C LEU A 56 -13.56 -7.09 -1.96
N GLY A 57 -14.51 -6.23 -1.63
CA GLY A 57 -15.67 -6.06 -2.49
C GLY A 57 -15.36 -5.39 -3.82
N ALA A 58 -14.36 -4.51 -3.84
CA ALA A 58 -13.93 -3.82 -5.04
C ALA A 58 -12.87 -4.58 -5.83
N ALA A 59 -12.29 -5.63 -5.26
CA ALA A 59 -11.10 -6.26 -5.85
C ALA A 59 -11.45 -7.19 -7.00
N ASN A 60 -12.60 -7.85 -6.95
CA ASN A 60 -13.01 -8.84 -7.95
C ASN A 60 -12.08 -10.06 -7.84
N MET A 61 -12.28 -10.82 -6.78
CA MET A 61 -11.39 -11.89 -6.34
C MET A 61 -11.66 -13.26 -6.97
N GLN A 62 -12.65 -13.41 -7.85
CA GLN A 62 -13.17 -14.76 -8.11
C GLN A 62 -12.10 -15.70 -8.66
N PHE A 63 -11.34 -15.25 -9.66
CA PHE A 63 -10.31 -16.13 -10.22
C PHE A 63 -9.24 -16.46 -9.19
N ALA A 64 -8.79 -15.45 -8.42
CA ALA A 64 -7.82 -15.71 -7.37
C ALA A 64 -8.38 -16.65 -6.31
N GLU A 65 -9.67 -16.51 -5.99
CA GLU A 65 -10.25 -17.39 -4.98
C GLU A 65 -10.28 -18.84 -5.45
N ILE A 66 -10.39 -19.09 -6.76
N ILE A 66 -10.39 -19.11 -6.76
CA ILE A 66 -10.29 -20.46 -7.26
CA ILE A 66 -10.29 -20.49 -7.20
C ILE A 66 -8.92 -21.05 -6.93
C ILE A 66 -8.91 -21.04 -6.86
N THR A 67 -7.87 -20.27 -7.17
CA THR A 67 -6.52 -20.69 -6.82
C THR A 67 -6.36 -20.85 -5.31
N MET A 68 -6.95 -19.94 -4.54
N MET A 68 -6.93 -19.93 -4.54
CA MET A 68 -6.93 -20.09 -3.09
CA MET A 68 -6.97 -20.06 -3.10
C MET A 68 -7.56 -21.41 -2.66
C MET A 68 -7.55 -21.41 -2.68
N ASN A 69 -8.68 -21.78 -3.28
CA ASN A 69 -9.35 -23.02 -2.92
C ASN A 69 -8.53 -24.23 -3.32
N GLN A 70 -7.76 -24.13 -4.41
CA GLN A 70 -6.86 -25.20 -4.79
C GLN A 70 -5.89 -25.50 -3.66
N ILE A 71 -5.38 -24.46 -3.01
CA ILE A 71 -4.44 -24.64 -1.92
C ILE A 71 -5.14 -25.28 -0.73
N ARG A 72 -6.42 -25.00 -0.57
CA ARG A 72 -7.18 -25.65 0.49
C ARG A 72 -7.34 -27.16 0.26
N GLN A 73 -7.26 -27.64 -0.99
N GLN A 73 -7.21 -27.60 -0.98
CA GLN A 73 -7.33 -29.08 -1.24
CA GLN A 73 -7.34 -29.01 -1.34
C GLN A 73 -5.99 -29.78 -1.11
C GLN A 73 -6.01 -29.76 -1.27
N MET A 74 -4.88 -29.04 -1.19
CA MET A 74 -3.60 -29.75 -1.18
C MET A 74 -3.28 -30.38 0.18
N SER A 75 -2.33 -31.32 0.13
CA SER A 75 -1.73 -31.89 1.32
C SER A 75 -0.86 -30.85 2.03
N PHE A 76 -0.45 -31.21 3.24
CA PHE A 76 0.39 -30.33 4.06
C PHE A 76 1.68 -29.98 3.32
N GLN A 77 2.33 -30.98 2.73
N GLN A 77 2.33 -30.98 2.73
CA GLN A 77 3.58 -30.75 2.02
CA GLN A 77 3.58 -30.73 2.02
C GLN A 77 3.38 -29.79 0.85
C GLN A 77 3.38 -29.78 0.84
N GLU A 78 2.28 -29.95 0.10
CA GLU A 78 2.03 -29.11 -1.05
C GLU A 78 1.69 -27.68 -0.64
N GLN A 79 0.89 -27.53 0.42
CA GLN A 79 0.57 -26.18 0.92
C GLN A 79 1.83 -25.44 1.34
N THR A 80 2.76 -26.13 2.03
CA THR A 80 3.98 -25.45 2.43
C THR A 80 4.83 -25.10 1.22
N GLN A 81 4.85 -25.99 0.22
CA GLN A 81 5.64 -25.72 -0.99
C GLN A 81 5.12 -24.50 -1.75
N VAL A 82 3.80 -24.39 -1.92
N VAL A 82 3.81 -24.39 -1.93
CA VAL A 82 3.25 -23.25 -2.64
CA VAL A 82 3.30 -23.27 -2.74
C VAL A 82 3.55 -21.95 -1.90
C VAL A 82 3.53 -21.95 -2.02
N MET A 83 3.42 -21.95 -0.57
N MET A 83 3.41 -21.93 -0.69
CA MET A 83 3.68 -20.75 0.20
CA MET A 83 3.68 -20.70 0.04
C MET A 83 5.15 -20.33 0.09
C MET A 83 5.16 -20.32 -0.04
N CYS A 84 6.08 -21.28 0.15
CA CYS A 84 7.49 -20.95 -0.09
C CYS A 84 7.76 -20.55 -1.53
N ASP A 85 7.05 -21.13 -2.50
CA ASP A 85 7.27 -20.70 -3.87
C ASP A 85 6.92 -19.23 -4.03
N LEU A 86 5.81 -18.80 -3.42
CA LEU A 86 5.46 -17.38 -3.44
C LEU A 86 6.53 -16.53 -2.76
N ALA A 87 6.95 -16.91 -1.57
CA ALA A 87 7.92 -16.08 -0.85
C ALA A 87 9.26 -16.06 -1.56
N ASN A 88 9.68 -17.20 -2.09
CA ASN A 88 10.92 -17.22 -2.88
C ASN A 88 10.81 -16.52 -4.23
N ARG A 89 9.61 -16.08 -4.63
N ARG A 89 9.61 -16.10 -4.64
CA ARG A 89 9.40 -15.51 -5.97
CA ARG A 89 9.39 -15.52 -5.96
C ARG A 89 9.79 -16.51 -7.06
C ARG A 89 9.79 -16.51 -7.05
N THR A 90 9.52 -17.79 -6.81
CA THR A 90 9.88 -18.84 -7.75
C THR A 90 8.99 -18.76 -9.00
N ASP A 91 9.54 -19.24 -10.11
CA ASP A 91 8.78 -19.31 -11.36
C ASP A 91 8.00 -20.62 -11.31
N THR A 92 6.75 -20.53 -10.85
CA THR A 92 5.79 -21.63 -10.91
C THR A 92 4.50 -21.05 -11.47
N PRO A 93 3.61 -21.90 -11.97
CA PRO A 93 2.33 -21.35 -12.48
C PRO A 93 1.55 -20.56 -11.43
N ILE A 94 1.55 -20.99 -10.17
CA ILE A 94 0.78 -20.23 -9.18
C ILE A 94 1.51 -18.93 -8.84
N SER A 95 2.83 -19.00 -8.77
CA SER A 95 3.60 -17.81 -8.47
C SER A 95 3.49 -16.79 -9.59
N ARG A 96 3.39 -17.24 -10.85
CA ARG A 96 3.18 -16.33 -11.96
C ARG A 96 1.80 -15.69 -11.92
N ALA A 97 0.77 -16.48 -11.62
CA ALA A 97 -0.57 -15.96 -11.46
C ALA A 97 -0.62 -14.91 -10.36
N TYR A 98 -0.07 -15.24 -9.19
CA TYR A 98 -0.04 -14.26 -8.10
C TYR A 98 0.70 -13.00 -8.53
N GLY A 99 1.85 -13.18 -9.17
CA GLY A 99 2.63 -12.02 -9.61
C GLY A 99 1.91 -11.12 -10.58
N SER A 100 0.87 -11.62 -11.25
CA SER A 100 0.10 -10.82 -12.19
C SER A 100 -1.05 -10.07 -11.53
N TRP A 101 -1.37 -10.34 -10.26
CA TRP A 101 -2.56 -9.77 -9.65
C TRP A 101 -2.30 -8.37 -9.11
N THR A 102 -3.37 -7.58 -8.98
CA THR A 102 -3.23 -6.29 -8.34
C THR A 102 -2.90 -6.48 -6.86
N ALA A 103 -2.34 -5.43 -6.26
CA ALA A 103 -1.95 -5.48 -4.85
C ALA A 103 -3.12 -5.91 -3.98
N ASN A 104 -4.31 -5.34 -4.19
CA ASN A 104 -5.41 -5.69 -3.28
C ASN A 104 -5.83 -7.16 -3.42
N ILE A 105 -5.74 -7.73 -4.62
CA ILE A 105 -6.03 -9.15 -4.80
C ILE A 105 -4.98 -10.00 -4.12
N LYS A 106 -3.70 -9.62 -4.22
CA LYS A 106 -2.66 -10.36 -3.52
C LYS A 106 -2.92 -10.33 -2.01
N LEU A 107 -3.33 -9.17 -1.50
CA LEU A 107 -3.59 -9.04 -0.07
C LEU A 107 -4.82 -9.83 0.35
N GLY A 108 -5.87 -9.78 -0.47
CA GLY A 108 -7.08 -10.54 -0.17
C GLY A 108 -6.85 -12.04 -0.18
N PHE A 109 -5.96 -12.51 -1.06
CA PHE A 109 -5.52 -13.90 -1.09
C PHE A 109 -4.94 -14.33 0.24
N TRP A 110 -3.91 -13.61 0.70
CA TRP A 110 -3.28 -13.97 1.96
C TRP A 110 -4.18 -13.74 3.16
N TYR A 111 -5.03 -12.73 3.09
CA TYR A 111 -5.95 -12.49 4.19
C TYR A 111 -6.86 -13.69 4.44
N GLN A 112 -7.37 -14.26 3.37
CA GLN A 112 -8.25 -15.40 3.51
C GLN A 112 -7.46 -16.66 3.85
N LEU A 113 -6.31 -16.88 3.20
CA LEU A 113 -5.47 -18.01 3.57
C LEU A 113 -5.11 -17.95 5.05
N GLY A 114 -4.85 -16.74 5.55
CA GLY A 114 -4.50 -16.59 6.96
C GLY A 114 -5.64 -16.94 7.91
N GLU A 115 -6.86 -16.52 7.58
CA GLU A 115 -7.96 -16.93 8.46
C GLU A 115 -8.15 -18.44 8.37
N TRP A 116 -8.03 -19.01 7.17
CA TRP A 116 -8.14 -20.46 7.01
C TRP A 116 -7.06 -21.18 7.82
N MET A 117 -5.85 -20.61 7.90
N MET A 117 -5.86 -20.61 7.92
CA MET A 117 -4.81 -21.22 8.70
CA MET A 117 -4.84 -21.29 8.72
C MET A 117 -5.18 -21.16 10.18
C MET A 117 -5.12 -21.14 10.21
N ALA A 118 -5.68 -20.00 10.62
CA ALA A 118 -6.05 -19.82 12.01
C ALA A 118 -7.11 -20.82 12.44
N GLN A 119 -7.96 -21.26 11.49
CA GLN A 119 -9.04 -22.20 11.78
C GLN A 119 -8.67 -23.64 11.46
N GLY A 120 -7.51 -23.86 10.86
CA GLY A 120 -7.11 -25.18 10.45
C GLY A 120 -7.75 -25.67 9.17
N ILE A 121 -8.54 -24.82 8.50
CA ILE A 121 -9.09 -25.17 7.20
C ILE A 121 -7.97 -25.42 6.20
N VAL A 122 -6.86 -24.72 6.36
N VAL A 122 -6.92 -24.62 6.30
CA VAL A 122 -5.58 -25.15 5.81
CA VAL A 122 -5.62 -24.85 5.66
C VAL A 122 -4.63 -25.29 6.98
C VAL A 122 -4.63 -25.13 6.78
N ALA A 123 -3.53 -25.99 6.74
N ALA A 123 -3.79 -26.12 6.60
CA ALA A 123 -2.58 -26.21 7.82
CA ALA A 123 -2.83 -26.44 7.64
C ALA A 123 -1.87 -24.90 8.16
C ALA A 123 -1.89 -25.26 7.86
N PRO A 124 -1.68 -24.60 9.46
N PRO A 124 -1.73 -24.79 9.10
CA PRO A 124 -1.01 -23.35 9.84
CA PRO A 124 -0.69 -23.79 9.38
C PRO A 124 0.49 -23.41 9.65
C PRO A 124 0.59 -24.46 9.84
N ILE A 125 1.23 -22.80 10.57
N ILE A 125 1.40 -23.73 10.62
CA ILE A 125 2.69 -22.82 10.61
CA ILE A 125 2.58 -24.31 11.25
C ILE A 125 3.10 -23.54 11.89
C ILE A 125 3.03 -23.36 12.35
N PRO A 126 4.24 -24.28 11.89
N PRO A 126 2.18 -23.10 13.37
CA PRO A 126 4.63 -25.08 13.07
CA PRO A 126 2.48 -22.03 14.33
C PRO A 126 4.43 -24.39 14.41
C PRO A 126 3.41 -22.44 15.46
N SER A 127 3.79 -25.10 15.35
N SER A 127 2.84 -23.02 16.52
CA SER A 127 3.43 -24.50 16.63
CA SER A 127 3.57 -23.24 17.77
C SER A 127 4.66 -24.12 17.45
C SER A 127 4.78 -24.13 17.56
N GLY A 128 5.76 -24.85 17.29
N GLY A 128 5.88 -23.79 18.26
CA GLY A 128 6.98 -24.54 18.01
CA GLY A 128 7.12 -24.53 18.17
C GLY A 128 8.08 -24.03 17.11
C GLY A 128 8.10 -24.02 17.15
N TYR A 129 7.70 -23.34 16.03
N TYR A 129 7.67 -23.19 16.21
CA TYR A 129 8.68 -22.86 15.06
CA TYR A 129 8.55 -22.71 15.15
C TYR A 129 9.57 -21.78 15.68
C TYR A 129 9.52 -21.66 15.68
N LYS A 130 10.85 -21.82 15.33
N LYS A 130 10.79 -21.80 15.30
CA LYS A 130 11.84 -20.86 15.81
CA LYS A 130 11.86 -20.92 15.74
C LYS A 130 12.39 -20.08 14.64
C LYS A 130 12.32 -20.08 14.55
N LEU A 131 12.19 -18.76 14.66
CA LEU A 131 12.78 -17.90 13.66
C LEU A 131 14.30 -17.98 13.75
N SER A 132 14.96 -17.89 12.60
CA SER A 132 16.40 -17.67 12.61
C SER A 132 16.73 -16.36 13.31
N ALA A 133 18.02 -16.17 13.62
CA ALA A 133 18.43 -14.96 14.34
C ALA A 133 18.13 -13.69 13.55
N ASN A 134 18.46 -13.71 12.24
CA ASN A 134 18.14 -12.56 11.41
C ASN A 134 16.64 -12.31 11.38
N ALA A 135 15.85 -13.38 11.33
CA ALA A 135 14.41 -13.22 11.22
C ALA A 135 13.83 -12.68 12.51
N ALA A 136 14.26 -13.23 13.65
CA ALA A 136 13.78 -12.73 14.94
C ALA A 136 14.08 -11.25 15.12
N SER A 137 15.24 -10.80 14.62
CA SER A 137 15.57 -9.38 14.73
C SER A 137 14.69 -8.52 13.81
N VAL A 138 14.38 -9.02 12.62
CA VAL A 138 13.46 -8.28 11.74
C VAL A 138 12.08 -8.18 12.38
N LEU A 139 11.62 -9.26 13.02
CA LEU A 139 10.31 -9.23 13.66
C LEU A 139 10.28 -8.16 14.74
N GLN A 140 11.32 -8.11 15.58
N GLN A 140 11.30 -8.14 15.60
CA GLN A 140 11.36 -7.11 16.63
CA GLN A 140 11.42 -7.12 16.64
C GLN A 140 11.36 -5.69 16.07
C GLN A 140 11.33 -5.73 16.05
N ALA A 141 12.02 -5.49 14.94
CA ALA A 141 11.99 -4.17 14.31
C ALA A 141 10.57 -3.79 13.91
N ILE A 142 9.88 -4.69 13.21
CA ILE A 142 8.50 -4.43 12.80
C ILE A 142 7.63 -4.12 14.02
N GLN A 143 7.67 -4.98 15.03
CA GLN A 143 6.83 -4.78 16.21
C GLN A 143 7.09 -3.45 16.88
N GLY A 144 8.27 -2.85 16.68
CA GLY A 144 8.57 -1.58 17.29
C GLY A 144 8.13 -0.36 16.51
N LEU A 145 7.56 -0.55 15.31
CA LEU A 145 7.21 0.56 14.45
C LEU A 145 5.80 1.04 14.78
N GLU A 146 5.54 2.32 14.52
CA GLU A 146 4.20 2.86 14.60
C GLU A 146 3.26 2.06 13.70
N SER A 147 1.96 2.05 14.04
CA SER A 147 1.03 1.17 13.33
C SER A 147 1.06 1.40 11.82
N GLY A 148 1.09 2.66 11.38
CA GLY A 148 1.03 2.92 9.95
C GLY A 148 2.27 2.46 9.21
N GLN A 149 3.42 2.52 9.87
CA GLN A 149 4.64 1.97 9.29
C GLN A 149 4.62 0.44 9.30
N GLN A 150 4.04 -0.16 10.35
CA GLN A 150 3.98 -1.64 10.43
C GLN A 150 3.18 -2.20 9.26
N ILE A 151 2.01 -1.62 8.98
CA ILE A 151 1.15 -2.18 7.95
C ILE A 151 1.72 -1.92 6.56
N THR A 152 2.51 -0.86 6.41
CA THR A 152 3.18 -0.63 5.13
C THR A 152 4.30 -1.64 4.91
N VAL A 153 5.05 -1.95 5.96
CA VAL A 153 6.03 -3.04 5.84
C VAL A 153 5.33 -4.33 5.43
N LEU A 154 4.29 -4.72 6.18
N LEU A 154 4.31 -4.71 6.19
CA LEU A 154 3.63 -5.97 5.87
CA LEU A 154 3.55 -5.93 5.92
C LEU A 154 3.06 -5.96 4.46
C LEU A 154 3.03 -5.95 4.49
N ARG A 155 2.41 -4.84 4.07
CA ARG A 155 1.84 -4.80 2.72
C ARG A 155 2.89 -4.98 1.63
N ASN A 156 4.01 -4.27 1.74
CA ASN A 156 4.97 -4.33 0.67
C ASN A 156 5.69 -5.67 0.68
N CYS A 157 5.84 -6.27 1.85
CA CYS A 157 6.43 -7.62 1.90
C CYS A 157 5.52 -8.64 1.20
N VAL A 158 4.21 -8.50 1.36
CA VAL A 158 3.28 -9.45 0.74
C VAL A 158 3.16 -9.18 -0.74
N VAL A 159 3.05 -7.91 -1.13
CA VAL A 159 2.83 -7.55 -2.53
C VAL A 159 4.05 -7.93 -3.37
N ASP A 160 5.24 -7.88 -2.80
CA ASP A 160 6.45 -8.24 -3.55
C ASP A 160 6.62 -9.73 -3.72
N MET A 161 5.72 -10.56 -3.19
CA MET A 161 5.93 -12.00 -3.37
C MET A 161 5.49 -12.42 -4.78
N GLY A 162 5.73 -13.69 -5.12
CA GLY A 162 5.33 -14.15 -6.43
C GLY A 162 6.35 -13.75 -7.50
N PHE A 163 6.03 -14.09 -8.74
CA PHE A 163 6.98 -13.96 -9.84
C PHE A 163 6.70 -12.67 -10.60
N ASP A 164 7.72 -11.82 -10.73
CA ASP A 164 7.58 -10.65 -11.59
C ASP A 164 7.28 -11.10 -13.00
N THR A 165 6.00 -11.10 -13.38
CA THR A 165 5.61 -11.57 -14.70
C THR A 165 5.98 -10.52 -15.75
N GLU A 176 -8.90 -5.24 -13.48
CA GLU A 176 -10.34 -5.45 -13.53
C GLU A 176 -11.15 -5.13 -12.26
N PRO A 177 -10.74 -4.12 -11.49
CA PRO A 177 -11.44 -3.83 -10.24
C PRO A 177 -12.81 -3.20 -10.51
N VAL A 178 -13.65 -3.24 -9.49
CA VAL A 178 -14.97 -2.63 -9.56
C VAL A 178 -14.81 -1.24 -8.95
N VAL A 179 -14.84 -0.21 -9.80
CA VAL A 179 -14.57 1.17 -9.42
C VAL A 179 -15.88 1.93 -9.35
N VAL A 180 -16.21 2.44 -8.18
CA VAL A 180 -17.50 3.04 -7.91
C VAL A 180 -17.32 4.45 -7.38
N PRO A 181 -17.57 5.47 -8.21
CA PRO A 181 -17.55 6.84 -7.70
C PRO A 181 -18.74 7.10 -6.79
N ARG A 182 -18.49 7.77 -5.68
N ARG A 182 -18.49 7.78 -5.69
CA ARG A 182 -19.54 8.02 -4.70
CA ARG A 182 -19.53 8.07 -4.71
C ARG A 182 -20.58 8.99 -5.24
C ARG A 182 -20.64 8.92 -5.32
N ASP A 183 -21.84 8.72 -4.93
N ASP A 183 -21.85 8.73 -4.81
CA ASP A 183 -22.92 9.63 -5.25
CA ASP A 183 -22.95 9.64 -5.11
C ASP A 183 -22.60 11.04 -4.76
C ASP A 183 -22.56 11.07 -4.73
N MET A 184 -22.93 12.03 -5.59
CA MET A 184 -22.56 13.43 -5.35
C MET A 184 -23.03 13.94 -3.98
N ALA A 185 -24.24 13.57 -3.57
CA ALA A 185 -24.78 14.10 -2.32
C ALA A 185 -24.10 13.53 -1.08
N GLN A 186 -23.40 12.41 -1.20
N GLN A 186 -23.39 12.41 -1.21
CA GLN A 186 -22.70 11.82 -0.07
CA GLN A 186 -22.69 11.78 -0.11
C GLN A 186 -21.25 12.30 0.07
C GLN A 186 -21.21 12.11 -0.08
N ARG A 187 -20.74 13.03 -0.92
CA ARG A 187 -19.32 13.39 -0.94
C ARG A 187 -18.98 14.44 0.10
N THR A 188 -17.79 14.31 0.67
CA THR A 188 -17.27 15.29 1.62
C THR A 188 -16.36 16.29 0.91
N GLN A 189 -16.12 17.41 1.60
CA GLN A 189 -15.18 18.42 1.14
C GLN A 189 -14.08 18.55 2.19
N VAL A 190 -12.82 18.36 1.78
CA VAL A 190 -11.76 18.54 2.76
C VAL A 190 -11.59 20.02 3.11
N THR A 191 -11.07 20.25 4.31
CA THR A 191 -10.53 21.53 4.72
C THR A 191 -9.02 21.36 4.95
N ILE A 192 -8.24 22.32 4.49
CA ILE A 192 -6.80 22.29 4.69
C ILE A 192 -6.38 23.66 5.19
N GLU A 193 -5.84 23.72 6.41
CA GLU A 193 -5.41 25.00 6.94
C GLU A 193 -4.27 25.54 6.10
N GLY A 194 -4.49 26.72 5.54
CA GLY A 194 -3.45 27.35 4.75
C GLY A 194 -3.54 27.09 3.26
N ILE A 195 -4.46 26.25 2.79
CA ILE A 195 -4.55 25.90 1.37
C ILE A 195 -5.99 26.01 0.92
N ASP A 196 -6.24 26.79 -0.15
CA ASP A 196 -7.54 26.77 -0.78
C ASP A 196 -7.48 26.52 -2.28
N ASN A 197 -6.30 26.27 -2.84
CA ASN A 197 -6.18 26.04 -4.28
C ASN A 197 -7.06 24.87 -4.71
N PRO A 198 -8.01 25.09 -5.62
CA PRO A 198 -8.95 24.01 -5.98
C PRO A 198 -8.30 22.78 -6.57
N THR A 199 -7.14 22.91 -7.22
CA THR A 199 -6.45 21.74 -7.72
C THR A 199 -6.06 20.81 -6.59
N VAL A 200 -5.58 21.35 -5.47
CA VAL A 200 -5.20 20.51 -4.34
C VAL A 200 -6.43 20.00 -3.61
N LEU A 201 -7.40 20.86 -3.36
CA LEU A 201 -8.61 20.43 -2.68
C LEU A 201 -9.35 19.36 -3.46
N ASN A 202 -9.44 19.52 -4.78
CA ASN A 202 -10.18 18.55 -5.57
C ASN A 202 -9.37 17.29 -5.89
N TYR A 203 -8.04 17.37 -5.85
CA TYR A 203 -7.27 16.14 -5.75
C TYR A 203 -7.74 15.31 -4.56
N MET A 204 -7.83 15.93 -3.39
N MET A 204 -7.87 15.94 -3.40
CA MET A 204 -8.24 15.20 -2.18
CA MET A 204 -8.22 15.19 -2.19
C MET A 204 -9.68 14.73 -2.29
C MET A 204 -9.68 14.77 -2.21
N ASN A 205 -10.57 15.62 -2.72
CA ASN A 205 -11.99 15.29 -2.74
C ASN A 205 -12.30 14.20 -3.76
N ASN A 206 -11.67 14.25 -4.92
CA ASN A 206 -12.00 13.23 -5.91
C ASN A 206 -11.39 11.89 -5.52
N MET A 207 -10.23 11.90 -4.87
N MET A 207 -10.23 11.90 -4.86
CA MET A 207 -9.71 10.66 -4.31
CA MET A 207 -9.68 10.66 -4.31
C MET A 207 -10.69 10.06 -3.32
C MET A 207 -10.66 10.06 -3.31
N ASN A 208 -11.15 10.87 -2.37
CA ASN A 208 -12.11 10.41 -1.37
C ASN A 208 -13.42 9.93 -1.98
N ALA A 209 -13.76 10.37 -3.18
CA ALA A 209 -14.99 9.93 -3.85
C ALA A 209 -14.76 8.85 -4.90
N ASN A 210 -13.52 8.35 -5.02
CA ASN A 210 -13.17 7.39 -6.06
C ASN A 210 -13.50 7.91 -7.45
N ASP A 211 -13.50 9.23 -7.64
CA ASP A 211 -13.88 9.82 -8.92
C ASP A 211 -12.63 10.09 -9.76
N PHE A 212 -12.03 9.00 -10.23
CA PHE A 212 -10.73 9.12 -10.85
C PHE A 212 -10.79 9.74 -12.23
N GLU A 213 -11.93 9.65 -12.91
CA GLU A 213 -12.05 10.27 -14.22
C GLU A 213 -11.99 11.78 -14.10
N VAL A 214 -12.58 12.34 -13.04
CA VAL A 214 -12.42 13.77 -12.78
C VAL A 214 -11.02 14.04 -12.23
N LEU A 215 -10.52 13.15 -11.38
CA LEU A 215 -9.22 13.35 -10.77
C LEU A 215 -8.13 13.48 -11.84
N ILE A 216 -8.15 12.61 -12.86
CA ILE A 216 -7.03 12.56 -13.79
C ILE A 216 -6.94 13.84 -14.59
N GLU A 217 -8.06 14.54 -14.76
CA GLU A 217 -8.04 15.76 -15.55
C GLU A 217 -7.34 16.90 -14.84
N LEU A 218 -7.05 16.75 -13.54
CA LEU A 218 -6.24 17.73 -12.84
C LEU A 218 -4.76 17.66 -13.20
N PHE A 219 -4.32 16.60 -13.89
CA PHE A 219 -2.91 16.38 -14.19
C PHE A 219 -2.53 16.95 -15.54
N THR A 220 -1.26 17.35 -15.68
CA THR A 220 -0.73 17.62 -17.00
C THR A 220 -0.63 16.32 -17.78
N PRO A 221 -0.66 16.38 -19.10
CA PRO A 221 -0.56 15.13 -19.88
C PRO A 221 0.71 14.35 -19.57
N ASP A 222 1.79 15.04 -19.22
CA ASP A 222 3.03 14.38 -18.83
C ASP A 222 3.18 14.29 -17.32
N GLY A 223 2.09 14.50 -16.57
CA GLY A 223 2.19 14.58 -15.13
C GLY A 223 2.46 13.23 -14.49
N ALA A 224 3.01 13.27 -13.28
CA ALA A 224 3.46 12.06 -12.63
C ALA A 224 3.00 12.03 -11.18
N LEU A 225 2.81 10.82 -10.67
CA LEU A 225 2.46 10.58 -9.27
C LEU A 225 3.47 9.60 -8.69
N GLN A 226 4.05 9.95 -7.55
CA GLN A 226 5.03 9.07 -6.92
C GLN A 226 4.46 8.53 -5.61
N PRO A 227 4.04 7.26 -5.55
CA PRO A 227 3.59 6.67 -4.27
C PRO A 227 4.73 6.54 -3.29
N PRO A 228 4.43 6.28 -2.01
CA PRO A 228 5.51 6.19 -1.01
C PRO A 228 6.51 5.10 -1.34
N PHE A 229 7.78 5.48 -1.35
CA PHE A 229 8.93 4.56 -1.52
C PHE A 229 8.92 3.88 -2.89
N GLN A 230 8.28 4.48 -3.89
CA GLN A 230 8.21 3.93 -5.23
C GLN A 230 8.65 4.97 -6.25
N LYS A 231 8.91 4.51 -7.47
N LYS A 231 8.92 4.51 -7.46
CA LYS A 231 9.31 5.42 -8.53
CA LYS A 231 9.32 5.46 -8.48
C LYS A 231 8.08 6.14 -9.07
C LYS A 231 8.10 6.14 -9.08
N PRO A 232 8.26 7.35 -9.61
CA PRO A 232 7.11 8.07 -10.18
C PRO A 232 6.43 7.28 -11.29
N ILE A 233 5.09 7.34 -11.28
CA ILE A 233 4.24 6.78 -12.33
C ILE A 233 3.93 7.94 -13.26
N VAL A 234 4.28 7.82 -14.55
CA VAL A 234 4.33 8.99 -15.44
C VAL A 234 3.27 8.85 -16.53
N GLY A 235 2.50 9.92 -16.74
CA GLY A 235 1.53 9.94 -17.81
C GLY A 235 0.14 9.63 -17.31
N LYS A 236 -0.87 10.30 -17.90
CA LYS A 236 -2.23 10.14 -17.41
C LYS A 236 -2.71 8.69 -17.49
N ASP A 237 -2.38 7.98 -18.57
CA ASP A 237 -2.84 6.59 -18.70
C ASP A 237 -2.33 5.73 -17.55
N ALA A 238 -1.03 5.83 -17.24
CA ALA A 238 -0.47 5.01 -16.18
C ALA A 238 -0.97 5.44 -14.82
N VAL A 239 -1.08 6.76 -14.58
CA VAL A 239 -1.58 7.25 -13.30
C VAL A 239 -3.04 6.81 -13.08
N LEU A 240 -3.88 6.91 -14.12
CA LEU A 240 -5.27 6.52 -13.96
C LEU A 240 -5.41 5.01 -13.71
N ARG A 241 -4.62 4.20 -14.40
N ARG A 241 -4.63 4.20 -14.42
CA ARG A 241 -4.62 2.76 -14.10
CA ARG A 241 -4.58 2.77 -14.12
C ARG A 241 -4.22 2.50 -12.65
C ARG A 241 -4.22 2.52 -12.66
N PHE A 242 -3.22 3.24 -12.15
CA PHE A 242 -2.85 3.09 -10.74
C PHE A 242 -4.00 3.48 -9.82
N PHE A 243 -4.69 4.57 -10.13
CA PHE A 243 -5.85 4.95 -9.31
C PHE A 243 -6.85 3.82 -9.23
N ARG A 244 -7.23 3.26 -10.38
CA ARG A 244 -8.33 2.31 -10.45
C ARG A 244 -7.97 1.00 -9.75
N GLU A 245 -6.70 0.60 -9.85
CA GLU A 245 -6.26 -0.70 -9.33
C GLU A 245 -5.98 -0.67 -7.84
N GLU A 246 -5.40 0.43 -7.33
CA GLU A 246 -4.87 0.43 -5.98
C GLU A 246 -5.46 1.48 -5.05
N CYS A 247 -6.27 2.42 -5.53
CA CYS A 247 -6.52 3.63 -4.75
C CYS A 247 -7.98 3.81 -4.35
N GLN A 248 -8.78 2.74 -4.41
CA GLN A 248 -10.18 2.86 -4.09
C GLN A 248 -10.39 2.80 -2.58
N ASN A 249 -11.31 3.63 -2.10
CA ASN A 249 -11.83 3.58 -0.74
C ASN A 249 -10.81 4.00 0.31
N LEU A 250 -9.85 4.83 -0.11
CA LEU A 250 -8.99 5.52 0.82
C LEU A 250 -9.76 6.65 1.49
N LYS A 251 -9.30 7.04 2.67
N LYS A 251 -9.30 7.04 2.67
CA LYS A 251 -9.82 8.21 3.38
CA LYS A 251 -9.82 8.21 3.37
C LYS A 251 -8.64 9.16 3.58
C LYS A 251 -8.64 9.16 3.57
N LEU A 252 -8.64 10.27 2.83
CA LEU A 252 -7.59 11.27 2.93
C LEU A 252 -8.09 12.35 3.86
N ILE A 253 -7.34 12.57 4.94
CA ILE A 253 -7.71 13.57 5.94
C ILE A 253 -6.58 14.59 6.03
N PRO A 254 -6.41 15.44 5.03
CA PRO A 254 -5.36 16.45 5.12
C PRO A 254 -5.67 17.43 6.23
N GLU A 255 -4.61 17.97 6.83
CA GLU A 255 -4.75 18.90 7.95
C GLU A 255 -4.31 20.31 7.62
N ARG A 256 -3.14 20.47 7.00
CA ARG A 256 -2.57 21.80 6.80
C ARG A 256 -1.55 21.74 5.67
N GLY A 257 -1.24 22.92 5.13
CA GLY A 257 -0.30 22.94 4.03
C GLY A 257 0.32 24.31 3.85
N VAL A 258 1.26 24.38 2.89
N VAL A 258 1.28 24.37 2.93
CA VAL A 258 2.00 25.61 2.59
CA VAL A 258 1.93 25.63 2.57
C VAL A 258 2.29 25.66 1.09
C VAL A 258 2.15 25.66 1.05
N THR A 259 2.27 26.87 0.54
CA THR A 259 2.45 27.13 -0.88
C THR A 259 3.67 28.00 -1.04
N GLU A 260 4.49 27.71 -2.05
CA GLU A 260 5.73 28.46 -2.31
C GLU A 260 5.86 28.65 -3.81
N PRO A 261 6.22 29.84 -4.28
CA PRO A 261 6.49 29.98 -5.71
C PRO A 261 7.68 29.13 -6.12
N ALA A 262 7.63 28.66 -7.36
CA ALA A 262 8.74 27.96 -7.99
C ALA A 262 9.16 28.73 -9.24
N ASP A 263 10.23 28.27 -9.87
CA ASP A 263 10.72 28.91 -11.08
C ASP A 263 9.69 28.79 -12.20
N GLY A 264 9.69 29.79 -13.09
CA GLY A 264 8.95 29.69 -14.32
C GLY A 264 7.45 29.62 -14.16
N GLY A 265 6.90 30.23 -13.11
CA GLY A 265 5.48 30.26 -12.90
C GLY A 265 4.92 29.01 -12.27
N TYR A 266 5.76 28.04 -11.96
CA TYR A 266 5.29 26.85 -11.24
C TYR A 266 5.07 27.19 -9.77
N THR A 267 4.26 26.36 -9.11
CA THR A 267 3.96 26.53 -7.70
C THR A 267 4.22 25.20 -6.99
N GLN A 268 4.87 25.25 -5.83
CA GLN A 268 5.09 24.03 -5.06
C GLN A 268 4.29 24.08 -3.77
N ILE A 269 3.59 22.98 -3.46
CA ILE A 269 2.67 22.93 -2.33
C ILE A 269 2.98 21.68 -1.50
N LYS A 270 3.08 21.85 -0.18
CA LYS A 270 3.23 20.71 0.71
C LYS A 270 1.99 20.66 1.60
N VAL A 271 1.38 19.50 1.69
CA VAL A 271 0.22 19.28 2.55
C VAL A 271 0.57 18.12 3.47
N THR A 272 0.21 18.21 4.74
CA THR A 272 0.37 17.06 5.63
C THR A 272 -0.99 16.65 6.17
N GLY A 273 -1.09 15.40 6.63
CA GLY A 273 -2.33 14.92 7.18
C GLY A 273 -2.27 13.42 7.42
N LYS A 274 -3.45 12.82 7.58
CA LYS A 274 -3.57 11.39 7.84
C LYS A 274 -4.31 10.69 6.72
N VAL A 275 -4.02 9.39 6.54
CA VAL A 275 -4.73 8.60 5.53
C VAL A 275 -5.11 7.27 6.16
N GLN A 276 -6.32 6.82 5.86
CA GLN A 276 -6.76 5.50 6.29
C GLN A 276 -6.95 4.65 5.05
N THR A 277 -6.53 3.35 5.14
CA THR A 277 -6.78 2.40 4.08
C THR A 277 -7.98 1.54 4.43
N PRO A 278 -8.77 1.09 3.46
CA PRO A 278 -9.92 0.24 3.81
C PRO A 278 -9.49 -1.05 4.46
N TRP A 279 -8.22 -1.46 4.30
CA TRP A 279 -7.77 -2.68 4.95
C TRP A 279 -7.86 -2.57 6.47
N PHE A 280 -7.78 -1.37 7.02
CA PHE A 280 -7.88 -1.22 8.47
C PHE A 280 -8.89 -0.18 8.93
N GLY A 281 -9.47 0.60 8.02
CA GLY A 281 -10.43 1.64 8.42
C GLY A 281 -9.80 2.61 9.39
N ALA A 282 -10.57 3.02 10.40
CA ALA A 282 -10.08 4.00 11.35
C ALA A 282 -9.10 3.42 12.36
N GLY A 283 -8.82 2.11 12.28
CA GLY A 283 -7.90 1.49 13.21
C GLY A 283 -6.44 1.91 13.02
N VAL A 284 -6.08 2.36 11.82
CA VAL A 284 -4.70 2.81 11.55
C VAL A 284 -4.75 4.14 10.83
N GLY A 285 -4.18 5.17 11.43
CA GLY A 285 -3.98 6.44 10.78
C GLY A 285 -2.54 6.67 10.40
N MET A 286 -2.29 6.77 9.10
CA MET A 286 -0.96 6.78 8.51
C MET A 286 -0.58 8.26 8.33
N ASN A 287 0.59 8.68 8.82
CA ASN A 287 0.98 10.09 8.72
C ASN A 287 1.59 10.33 7.36
N MET A 288 1.01 11.25 6.58
N MET A 288 1.01 11.27 6.60
CA MET A 288 1.43 11.38 5.19
CA MET A 288 1.38 11.43 5.20
C MET A 288 1.64 12.83 4.82
C MET A 288 1.71 12.88 4.89
N ALA A 289 2.54 13.04 3.86
CA ALA A 289 2.73 14.33 3.20
C ALA A 289 2.39 14.17 1.73
N TRP A 290 1.84 15.23 1.14
CA TRP A 290 1.67 15.32 -0.31
C TRP A 290 2.51 16.49 -0.78
N ARG A 291 3.36 16.26 -1.78
CA ARG A 291 4.20 17.32 -2.32
C ARG A 291 3.81 17.55 -3.77
N PHE A 292 3.24 18.71 -4.08
CA PHE A 292 2.73 19.02 -5.42
C PHE A 292 3.64 20.01 -6.12
N LEU A 293 3.85 19.82 -7.42
CA LEU A 293 4.42 20.84 -8.28
C LEU A 293 3.35 21.13 -9.31
N LEU A 294 2.79 22.34 -9.28
CA LEU A 294 1.72 22.69 -10.18
C LEU A 294 2.26 23.55 -11.31
N SER A 295 1.72 23.34 -12.52
CA SER A 295 2.16 24.04 -13.69
C SER A 295 1.67 25.49 -13.63
N PRO A 296 2.11 26.35 -14.55
CA PRO A 296 1.53 27.71 -14.64
C PRO A 296 0.03 27.70 -14.91
N GLU A 297 -0.51 26.64 -15.48
N GLU A 297 -0.50 26.62 -15.48
CA GLU A 297 -1.93 26.52 -15.72
CA GLU A 297 -1.93 26.48 -15.74
C GLU A 297 -2.68 25.91 -14.54
C GLU A 297 -2.67 25.90 -14.54
N ASN A 298 -2.00 25.75 -13.39
CA ASN A 298 -2.59 25.20 -12.16
C ASN A 298 -3.00 23.74 -12.30
N LYS A 299 -2.27 22.97 -13.11
N LYS A 299 -2.23 22.98 -13.07
CA LYS A 299 -2.47 21.54 -13.22
CA LYS A 299 -2.42 21.55 -13.26
C LYS A 299 -1.34 20.82 -12.49
C LYS A 299 -1.29 20.78 -12.58
N ILE A 300 -1.59 19.57 -12.12
CA ILE A 300 -0.59 18.76 -11.40
C ILE A 300 0.42 18.24 -12.42
N PHE A 301 1.64 18.78 -12.36
CA PHE A 301 2.77 18.19 -13.09
C PHE A 301 3.37 17.04 -12.30
N PHE A 302 3.45 17.17 -10.98
CA PHE A 302 4.04 16.13 -10.17
C PHE A 302 3.41 16.17 -8.80
N VAL A 303 3.05 15.02 -8.26
CA VAL A 303 2.70 14.92 -6.85
C VAL A 303 3.39 13.70 -6.26
N ALA A 304 4.05 13.90 -5.14
CA ALA A 304 4.66 12.82 -4.37
C ALA A 304 3.87 12.65 -3.10
N ILE A 305 3.64 11.40 -2.73
CA ILE A 305 2.95 11.03 -1.51
C ILE A 305 3.96 10.30 -0.64
N ASP A 306 4.17 10.82 0.57
CA ASP A 306 5.26 10.35 1.44
C ASP A 306 4.64 9.84 2.72
N LEU A 307 5.10 8.66 3.19
CA LEU A 307 4.80 8.23 4.55
C LEU A 307 5.83 8.87 5.48
N LEU A 308 5.36 9.57 6.52
CA LEU A 308 6.25 10.39 7.32
C LEU A 308 6.87 9.61 8.48
N ALA A 309 8.06 10.06 8.91
CA ALA A 309 8.84 9.28 9.88
C ALA A 309 8.20 9.29 11.26
N SER A 310 7.46 10.34 11.60
CA SER A 310 6.89 10.45 12.93
C SER A 310 5.78 11.49 12.86
N PRO A 311 4.97 11.60 13.91
CA PRO A 311 3.87 12.58 13.89
C PRO A 311 4.33 14.03 13.88
N LYS A 312 5.53 14.34 14.35
CA LYS A 312 5.98 15.73 14.30
C LYS A 312 6.09 16.24 12.88
N GLU A 313 6.30 15.33 11.92
CA GLU A 313 6.36 15.73 10.52
C GLU A 313 5.05 16.31 10.01
N LEU A 314 3.93 16.04 10.70
CA LEU A 314 2.68 16.71 10.34
C LEU A 314 2.77 18.21 10.52
N LEU A 315 3.68 18.68 11.37
CA LEU A 315 3.84 20.09 11.68
C LEU A 315 5.10 20.69 11.08
N ASN A 316 5.67 20.03 10.07
CA ASN A 316 6.92 20.47 9.46
C ASN A 316 6.58 21.02 8.09
N LEU A 317 6.36 22.33 8.01
CA LEU A 317 6.05 22.98 6.74
C LEU A 317 7.14 23.96 6.34
N VAL A 318 8.30 23.86 6.95
CA VAL A 318 9.35 24.81 6.63
C VAL A 318 10.05 24.35 5.36
#